data_1X8C
#
_entry.id   1X8C
#
_cell.length_a   74.579
_cell.length_b   97.579
_cell.length_c   131.846
_cell.angle_alpha   90.00
_cell.angle_beta   90.00
_cell.angle_gamma   90.00
#
_symmetry.space_group_name_H-M   'C 2 2 21'
#
loop_
_entity.id
_entity.type
_entity.pdbx_description
1 polymer 'Copper homeostasis protein cutC'
2 non-polymer 'CALCIUM ION'
3 water water
#
_entity_poly.entity_id   1
_entity_poly.type   'polypeptide(L)'
_entity_poly.pdbx_seq_one_letter_code
;(MSE)ALLEICCYS(MSE)ECALTAQQNGADRVELCAAPKEGGLTPSLGVLKSVRQRVTIPVHPIIRPRGGDFCYSDGEF
AAILEDVRTVRELGFPGLVTGVLDVDGNVD(MSE)PR(MSE)EKI(MSE)AAAGPLAVTFHRAFD(MSE)CANPLYTLNN
LAELGIARVLTSGQKSDALQGLSKI(MSE)ELIAHRDAPII(MSE)AGAGVRAENLHHFLDAGVLEVHSSAGAWQASP
(MSE)RYRNQGLS(MSE)SSDEHADEYSRYIVDGAAVAE(MSE)KGIIERHQAKLEHHHHHH
;
_entity_poly.pdbx_strand_id   A,B
#
# COMPACT_ATOMS: atom_id res chain seq x y z
N ALA A 2 26.56 -16.16 -6.17
CA ALA A 2 25.42 -15.87 -5.30
C ALA A 2 24.57 -14.74 -5.89
N LEU A 3 23.25 -14.93 -5.87
CA LEU A 3 22.31 -13.96 -6.42
C LEU A 3 21.91 -12.91 -5.38
N LEU A 4 22.04 -11.63 -5.73
CA LEU A 4 21.68 -10.54 -4.81
C LEU A 4 20.35 -9.90 -5.20
N GLU A 5 19.35 -10.08 -4.34
CA GLU A 5 18.02 -9.51 -4.58
C GLU A 5 17.80 -8.35 -3.60
N ILE A 6 17.39 -7.19 -4.12
CA ILE A 6 17.16 -6.01 -3.28
C ILE A 6 15.67 -5.65 -3.22
N CYS A 7 15.15 -5.44 -2.02
CA CYS A 7 13.75 -5.05 -1.85
C CYS A 7 13.66 -3.53 -2.06
N CYS A 8 12.90 -3.11 -3.07
CA CYS A 8 12.76 -1.69 -3.40
C CYS A 8 11.32 -1.20 -3.31
N TYR A 9 11.14 -0.02 -2.71
CA TYR A 9 9.80 0.53 -2.55
C TYR A 9 9.45 1.63 -3.55
N SER A 10 10.17 1.68 -4.66
CA SER A 10 9.91 2.67 -5.70
C SER A 10 10.68 2.32 -6.96
N GLU A 12 12.51 4.40 -8.78
CA GLU A 12 13.83 5.02 -8.69
C GLU A 12 14.76 4.19 -7.82
N CYS A 13 14.25 3.63 -6.73
CA CYS A 13 15.08 2.80 -5.87
C CYS A 13 15.49 1.54 -6.64
N ALA A 14 14.57 1.00 -7.45
CA ALA A 14 14.88 -0.19 -8.25
C ALA A 14 16.00 0.14 -9.23
N LEU A 15 15.95 1.33 -9.82
CA LEU A 15 16.98 1.75 -10.77
C LEU A 15 18.33 1.88 -10.08
N THR A 16 18.32 2.46 -8.89
CA THR A 16 19.55 2.63 -8.12
C THR A 16 20.13 1.26 -7.83
N ALA A 17 19.28 0.34 -7.40
CA ALA A 17 19.72 -1.02 -7.09
C ALA A 17 20.37 -1.65 -8.32
N GLN A 18 19.73 -1.50 -9.47
CA GLN A 18 20.24 -2.04 -10.72
C GLN A 18 21.59 -1.45 -11.11
N GLN A 19 21.72 -0.14 -10.98
CA GLN A 19 22.95 0.56 -11.33
C GLN A 19 24.09 0.19 -10.40
N ASN A 20 23.77 -0.39 -9.25
CA ASN A 20 24.79 -0.76 -8.28
C ASN A 20 25.07 -2.25 -8.13
N GLY A 21 24.57 -3.06 -9.05
CA GLY A 21 24.87 -4.49 -8.97
C GLY A 21 23.79 -5.49 -8.61
N ALA A 22 22.64 -5.03 -8.15
CA ALA A 22 21.55 -5.95 -7.81
C ALA A 22 21.26 -6.85 -9.02
N ASP A 23 21.03 -8.13 -8.77
CA ASP A 23 20.73 -9.06 -9.84
C ASP A 23 19.21 -9.14 -10.02
N ARG A 24 18.49 -8.78 -8.96
CA ARG A 24 17.04 -8.85 -8.98
C ARG A 24 16.46 -7.88 -7.96
N VAL A 25 15.23 -7.47 -8.22
CA VAL A 25 14.54 -6.56 -7.34
C VAL A 25 13.17 -7.08 -6.97
N GLU A 26 12.82 -6.97 -5.69
CA GLU A 26 11.48 -7.34 -5.24
C GLU A 26 10.84 -5.96 -5.13
N LEU A 27 9.80 -5.71 -5.92
CA LEU A 27 9.13 -4.41 -5.94
C LEU A 27 7.96 -4.34 -4.95
N CYS A 28 8.01 -3.40 -4.02
CA CYS A 28 6.95 -3.26 -3.02
C CYS A 28 6.51 -1.82 -2.82
N ALA A 29 5.41 -1.68 -2.08
CA ALA A 29 4.87 -0.38 -1.70
C ALA A 29 4.66 -0.54 -0.20
N ALA A 30 4.35 0.56 0.48
CA ALA A 30 4.06 0.54 1.91
C ALA A 30 5.11 -0.07 2.83
N PRO A 31 6.30 0.55 2.92
CA PRO A 31 7.35 0.00 3.79
C PRO A 31 6.89 -0.23 5.23
N LYS A 32 6.04 0.64 5.74
CA LYS A 32 5.55 0.50 7.12
C LYS A 32 4.60 -0.70 7.30
N GLU A 33 4.12 -1.25 6.21
CA GLU A 33 3.22 -2.39 6.27
C GLU A 33 4.00 -3.67 6.00
N GLY A 34 5.30 -3.52 5.82
CA GLY A 34 6.14 -4.67 5.53
C GLY A 34 6.15 -5.00 4.05
N GLY A 35 5.53 -4.14 3.24
CA GLY A 35 5.50 -4.36 1.80
C GLY A 35 4.17 -4.85 1.26
N LEU A 36 3.55 -4.02 0.43
CA LEU A 36 2.26 -4.35 -0.19
C LEU A 36 2.35 -4.20 -1.70
N THR A 37 1.32 -4.67 -2.40
CA THR A 37 1.27 -4.61 -3.85
C THR A 37 1.36 -3.19 -4.38
N PRO A 38 2.26 -2.94 -5.35
CA PRO A 38 2.42 -1.60 -5.91
C PRO A 38 1.26 -1.31 -6.87
N SER A 39 0.94 -0.04 -7.06
CA SER A 39 -0.13 0.36 -7.97
C SER A 39 0.28 0.09 -9.42
N LEU A 40 -0.70 0.08 -10.31
CA LEU A 40 -0.47 -0.14 -11.72
C LEU A 40 0.53 0.89 -12.25
N GLY A 41 0.38 2.14 -11.82
CA GLY A 41 1.28 3.20 -12.27
C GLY A 41 2.73 2.90 -11.96
N VAL A 42 3.00 2.43 -10.74
CA VAL A 42 4.36 2.09 -10.35
C VAL A 42 4.84 0.88 -11.14
N LEU A 43 3.97 -0.13 -11.30
CA LEU A 43 4.33 -1.32 -12.05
C LEU A 43 4.70 -0.99 -13.50
N LYS A 44 3.86 -0.21 -14.17
CA LYS A 44 4.15 0.17 -15.55
C LYS A 44 5.44 0.97 -15.65
N SER A 45 5.68 1.82 -14.66
CA SER A 45 6.88 2.65 -14.62
C SER A 45 8.15 1.80 -14.57
N VAL A 46 8.12 0.76 -13.74
CA VAL A 46 9.26 -0.12 -13.59
C VAL A 46 9.48 -0.96 -14.86
N ARG A 47 8.38 -1.39 -15.48
CA ARG A 47 8.50 -2.18 -16.69
C ARG A 47 9.14 -1.37 -17.81
N GLN A 48 8.91 -0.07 -17.82
CA GLN A 48 9.51 0.74 -18.87
C GLN A 48 10.92 1.23 -18.57
N ARG A 49 11.34 1.16 -17.31
CA ARG A 49 12.66 1.66 -16.97
C ARG A 49 13.66 0.67 -16.36
N VAL A 50 13.20 -0.41 -15.75
CA VAL A 50 14.12 -1.36 -15.13
C VAL A 50 14.31 -2.60 -16.01
N THR A 51 15.56 -2.98 -16.22
CA THR A 51 15.87 -4.13 -17.06
C THR A 51 16.14 -5.43 -16.32
N ILE A 52 16.83 -5.39 -15.18
CA ILE A 52 17.06 -6.63 -14.44
C ILE A 52 15.71 -7.19 -14.01
N PRO A 53 15.66 -8.48 -13.69
CA PRO A 53 14.39 -9.10 -13.26
C PRO A 53 13.74 -8.39 -12.08
N VAL A 54 12.44 -8.15 -12.18
CA VAL A 54 11.70 -7.51 -11.09
C VAL A 54 10.55 -8.44 -10.70
N HIS A 55 10.39 -8.68 -9.41
CA HIS A 55 9.30 -9.52 -8.92
C HIS A 55 8.44 -8.71 -7.97
N PRO A 56 7.29 -8.21 -8.44
CA PRO A 56 6.42 -7.42 -7.58
C PRO A 56 5.80 -8.28 -6.48
N ILE A 57 5.64 -7.72 -5.28
CA ILE A 57 5.02 -8.48 -4.23
C ILE A 57 3.51 -8.36 -4.44
N ILE A 58 2.77 -9.42 -4.11
CA ILE A 58 1.31 -9.40 -4.25
C ILE A 58 0.81 -9.65 -2.83
N ARG A 59 0.43 -8.57 -2.16
CA ARG A 59 -0.04 -8.64 -0.79
C ARG A 59 -0.95 -7.43 -0.58
N PRO A 60 -2.26 -7.67 -0.40
CA PRO A 60 -3.26 -6.61 -0.20
C PRO A 60 -3.21 -5.84 1.12
N ARG A 61 -2.68 -6.47 2.16
CA ARG A 61 -2.61 -5.82 3.47
C ARG A 61 -1.51 -6.43 4.31
N GLY A 62 -1.17 -5.76 5.41
CA GLY A 62 -0.14 -6.28 6.29
C GLY A 62 -0.75 -7.32 7.20
N GLY A 63 -0.03 -7.72 8.24
CA GLY A 63 -0.56 -8.70 9.17
C GLY A 63 -0.43 -10.12 8.68
N ASP A 64 -1.42 -10.97 9.01
CA ASP A 64 -1.37 -12.37 8.63
C ASP A 64 -1.60 -12.64 7.14
N PHE A 65 -1.44 -13.91 6.77
CA PHE A 65 -1.60 -14.31 5.38
C PHE A 65 -2.83 -15.18 5.15
N CYS A 66 -3.83 -15.03 6.02
CA CYS A 66 -5.07 -15.79 5.89
C CYS A 66 -6.11 -14.82 5.34
N TYR A 67 -5.97 -14.51 4.05
CA TYR A 67 -6.83 -13.56 3.37
C TYR A 67 -8.29 -13.96 3.23
N SER A 68 -9.16 -12.95 3.16
CA SER A 68 -10.59 -13.16 2.99
C SER A 68 -10.83 -13.51 1.53
N ASP A 69 -12.05 -13.90 1.19
CA ASP A 69 -12.39 -14.23 -0.18
C ASP A 69 -12.24 -12.99 -1.06
N GLY A 70 -12.63 -11.85 -0.52
CA GLY A 70 -12.52 -10.60 -1.27
C GLY A 70 -11.07 -10.26 -1.54
N GLU A 71 -10.22 -10.39 -0.54
CA GLU A 71 -8.82 -10.08 -0.72
C GLU A 71 -8.20 -11.06 -1.70
N PHE A 72 -8.55 -12.33 -1.58
CA PHE A 72 -8.00 -13.34 -2.48
C PHE A 72 -8.39 -13.08 -3.93
N ALA A 73 -9.61 -12.60 -4.16
CA ALA A 73 -10.05 -12.30 -5.52
C ALA A 73 -9.14 -11.22 -6.09
N ALA A 74 -8.80 -10.22 -5.27
CA ALA A 74 -7.92 -9.14 -5.72
C ALA A 74 -6.54 -9.71 -6.03
N ILE A 75 -6.07 -10.59 -5.15
CA ILE A 75 -4.76 -11.22 -5.32
C ILE A 75 -4.65 -11.95 -6.65
N LEU A 76 -5.69 -12.68 -7.04
CA LEU A 76 -5.65 -13.39 -8.32
C LEU A 76 -5.58 -12.42 -9.49
N GLU A 77 -6.32 -11.33 -9.40
CA GLU A 77 -6.32 -10.36 -10.49
C GLU A 77 -4.97 -9.66 -10.56
N ASP A 78 -4.33 -9.45 -9.41
CA ASP A 78 -3.02 -8.82 -9.42
C ASP A 78 -1.97 -9.75 -10.01
N VAL A 79 -2.12 -11.06 -9.76
CA VAL A 79 -1.18 -12.02 -10.32
C VAL A 79 -1.33 -11.96 -11.84
N ARG A 80 -2.58 -11.99 -12.29
CA ARG A 80 -2.90 -11.92 -13.71
C ARG A 80 -2.33 -10.63 -14.33
N THR A 81 -2.42 -9.53 -13.58
CA THR A 81 -1.93 -8.24 -14.04
C THR A 81 -0.41 -8.22 -14.19
N VAL A 82 0.28 -8.70 -13.17
CA VAL A 82 1.73 -8.75 -13.18
C VAL A 82 2.21 -9.64 -14.33
N ARG A 83 1.50 -10.74 -14.56
CA ARG A 83 1.86 -11.64 -15.65
C ARG A 83 1.66 -10.93 -16.99
N GLU A 84 0.49 -10.32 -17.16
CA GLU A 84 0.16 -9.61 -18.39
C GLU A 84 1.16 -8.48 -18.69
N LEU A 85 1.66 -7.82 -17.65
CA LEU A 85 2.62 -6.73 -17.83
C LEU A 85 3.98 -7.26 -18.20
N GLY A 86 4.17 -8.57 -18.08
CA GLY A 86 5.45 -9.15 -18.44
C GLY A 86 6.56 -9.25 -17.40
N PHE A 87 6.24 -9.18 -16.12
CA PHE A 87 7.30 -9.32 -15.11
C PHE A 87 7.68 -10.81 -15.15
N PRO A 88 8.95 -11.14 -14.88
CA PRO A 88 9.37 -12.55 -14.91
C PRO A 88 9.02 -13.35 -13.66
N GLY A 89 8.50 -12.68 -12.63
CA GLY A 89 8.15 -13.39 -11.43
C GLY A 89 7.37 -12.50 -10.48
N LEU A 90 6.97 -13.05 -9.34
CA LEU A 90 6.20 -12.30 -8.37
C LEU A 90 6.43 -12.91 -6.98
N VAL A 91 6.03 -12.18 -5.95
CA VAL A 91 6.21 -12.64 -4.57
C VAL A 91 4.88 -12.63 -3.84
N THR A 92 4.55 -13.74 -3.20
CA THR A 92 3.30 -13.81 -2.46
C THR A 92 3.30 -15.00 -1.49
N GLY A 93 2.16 -15.23 -0.85
CA GLY A 93 2.05 -16.33 0.08
C GLY A 93 0.72 -16.31 0.81
N VAL A 94 0.14 -17.49 0.99
CA VAL A 94 -1.15 -17.61 1.68
C VAL A 94 -1.09 -18.82 2.61
N LEU A 95 -1.48 -18.61 3.86
CA LEU A 95 -1.46 -19.68 4.87
C LEU A 95 -2.85 -19.89 5.47
N ASP A 96 -3.07 -21.08 6.01
CA ASP A 96 -4.35 -21.37 6.64
C ASP A 96 -4.18 -20.97 8.12
N VAL A 97 -5.23 -21.07 8.92
CA VAL A 97 -5.14 -20.68 10.32
C VAL A 97 -4.18 -21.51 11.18
N ASP A 98 -3.84 -22.71 10.73
CA ASP A 98 -2.95 -23.58 11.51
C ASP A 98 -1.47 -23.46 11.12
N GLY A 99 -1.13 -22.43 10.36
CA GLY A 99 0.26 -22.24 9.98
C GLY A 99 0.75 -23.17 8.88
N ASN A 100 -0.18 -23.63 8.04
CA ASN A 100 0.18 -24.49 6.94
C ASN A 100 -0.02 -23.68 5.67
N VAL A 101 0.70 -24.03 4.63
CA VAL A 101 0.54 -23.36 3.34
C VAL A 101 -0.91 -23.67 2.91
N ASP A 102 -1.64 -22.66 2.43
CA ASP A 102 -3.00 -22.88 1.96
C ASP A 102 -2.87 -23.45 0.55
N PRO A 104 -5.00 -25.29 -1.51
CA PRO A 104 -6.03 -25.05 -2.53
C PRO A 104 -5.94 -23.66 -3.14
N ARG A 105 -5.74 -22.65 -2.29
CA ARG A 105 -5.67 -21.29 -2.80
C ARG A 105 -4.32 -20.99 -3.47
N GLU A 107 -2.69 -23.06 -5.16
CA GLU A 107 -2.74 -23.70 -6.48
C GLU A 107 -3.38 -22.78 -7.51
N LYS A 108 -4.44 -22.08 -7.10
CA LYS A 108 -5.14 -21.17 -8.00
C LYS A 108 -4.20 -20.02 -8.37
N ILE A 109 -3.38 -19.61 -7.42
CA ILE A 109 -2.42 -18.53 -7.70
C ILE A 109 -1.39 -19.02 -8.71
N ALA A 111 -1.77 -21.24 -10.98
CA ALA A 111 -2.45 -21.32 -12.27
C ALA A 111 -2.49 -19.92 -12.89
N ALA A 112 -2.88 -18.93 -12.12
CA ALA A 112 -2.94 -17.56 -12.63
C ALA A 112 -1.55 -17.06 -12.97
N ALA A 113 -0.55 -17.49 -12.22
CA ALA A 113 0.83 -17.05 -12.45
C ALA A 113 1.42 -17.59 -13.76
N GLY A 114 0.90 -18.72 -14.22
CA GLY A 114 1.43 -19.30 -15.45
C GLY A 114 2.93 -19.58 -15.36
N PRO A 115 3.73 -19.06 -16.30
CA PRO A 115 5.18 -19.26 -16.35
C PRO A 115 6.04 -18.43 -15.38
N LEU A 116 5.45 -17.41 -14.75
CA LEU A 116 6.20 -16.57 -13.83
C LEU A 116 6.87 -17.35 -12.71
N ALA A 117 8.05 -16.90 -12.32
CA ALA A 117 8.78 -17.55 -11.24
C ALA A 117 8.20 -16.99 -9.95
N VAL A 118 7.53 -17.83 -9.17
CA VAL A 118 6.91 -17.38 -7.94
C VAL A 118 7.73 -17.62 -6.68
N THR A 119 7.90 -16.56 -5.90
CA THR A 119 8.64 -16.64 -4.65
C THR A 119 7.62 -16.68 -3.53
N PHE A 120 7.76 -17.65 -2.62
CA PHE A 120 6.87 -17.73 -1.47
C PHE A 120 7.66 -16.90 -0.46
N HIS A 121 7.06 -15.83 0.06
CA HIS A 121 7.76 -14.95 0.98
C HIS A 121 7.83 -15.45 2.41
N ARG A 122 8.19 -14.55 3.32
CA ARG A 122 8.35 -14.89 4.73
C ARG A 122 7.14 -15.48 5.44
N ALA A 123 6.07 -15.71 4.71
CA ALA A 123 4.93 -16.36 5.32
C ALA A 123 5.52 -17.71 5.75
N PHE A 124 6.54 -18.14 5.03
CA PHE A 124 7.24 -19.39 5.32
C PHE A 124 7.76 -19.44 6.76
N ASP A 125 8.24 -18.31 7.26
CA ASP A 125 8.77 -18.27 8.62
C ASP A 125 7.69 -18.33 9.70
N CYS A 127 5.23 -20.75 9.28
CA CYS A 127 4.75 -22.12 9.16
C CYS A 127 5.22 -23.00 10.29
N ALA A 128 4.37 -23.95 10.69
CA ALA A 128 4.68 -24.86 11.79
C ALA A 128 5.71 -25.92 11.42
N ASN A 129 5.66 -26.39 10.19
CA ASN A 129 6.59 -27.42 9.75
C ASN A 129 7.35 -26.95 8.52
N PRO A 130 8.60 -26.50 8.71
CA PRO A 130 9.46 -26.00 7.63
C PRO A 130 9.80 -27.00 6.53
N LEU A 131 10.25 -28.19 6.89
CA LEU A 131 10.61 -29.19 5.89
C LEU A 131 9.39 -29.63 5.08
N TYR A 132 8.26 -29.82 5.76
CA TYR A 132 7.03 -30.22 5.06
C TYR A 132 6.55 -29.07 4.18
N THR A 133 6.75 -27.84 4.65
CA THR A 133 6.34 -26.67 3.87
C THR A 133 7.18 -26.63 2.59
N LEU A 134 8.49 -26.82 2.71
CA LEU A 134 9.34 -26.83 1.53
C LEU A 134 8.78 -27.84 0.54
N ASN A 135 8.40 -29.02 1.03
CA ASN A 135 7.83 -30.07 0.19
C ASN A 135 6.58 -29.51 -0.51
N ASN A 136 5.71 -28.86 0.27
CA ASN A 136 4.49 -28.30 -0.26
C ASN A 136 4.79 -27.25 -1.33
N LEU A 137 5.81 -26.44 -1.10
CA LEU A 137 6.17 -25.41 -2.07
C LEU A 137 6.65 -26.05 -3.37
N ALA A 138 7.47 -27.09 -3.26
CA ALA A 138 7.96 -27.79 -4.44
C ALA A 138 6.76 -28.40 -5.18
N GLU A 139 5.82 -28.97 -4.43
CA GLU A 139 4.63 -29.56 -5.03
C GLU A 139 3.87 -28.50 -5.84
N LEU A 140 3.84 -27.28 -5.33
CA LEU A 140 3.16 -26.18 -6.01
C LEU A 140 3.92 -25.66 -7.25
N GLY A 141 5.22 -25.90 -7.28
CA GLY A 141 6.01 -25.42 -8.40
C GLY A 141 6.66 -24.09 -8.04
N ILE A 142 6.65 -23.77 -6.75
CA ILE A 142 7.26 -22.53 -6.25
C ILE A 142 8.74 -22.49 -6.64
N ALA A 143 9.20 -21.38 -7.21
CA ALA A 143 10.59 -21.26 -7.62
C ALA A 143 11.59 -21.02 -6.49
N ARG A 144 11.23 -20.18 -5.53
CA ARG A 144 12.13 -19.88 -4.42
C ARG A 144 11.35 -19.44 -3.19
N VAL A 145 12.01 -19.52 -2.04
CA VAL A 145 11.36 -19.14 -0.80
C VAL A 145 12.27 -18.21 0.00
N LEU A 146 11.68 -17.13 0.50
CA LEU A 146 12.41 -16.15 1.29
C LEU A 146 12.25 -16.53 2.76
N THR A 147 13.37 -16.82 3.44
CA THR A 147 13.30 -17.23 4.83
C THR A 147 14.46 -16.75 5.69
N SER A 148 14.16 -16.60 6.98
CA SER A 148 15.13 -16.17 7.97
C SER A 148 15.41 -17.39 8.85
N GLY A 149 15.22 -18.57 8.29
CA GLY A 149 15.43 -19.79 9.07
C GLY A 149 14.44 -19.84 10.21
N GLN A 150 13.36 -19.09 10.07
CA GLN A 150 12.30 -19.00 11.06
C GLN A 150 12.73 -18.31 12.35
N LYS A 151 13.77 -17.49 12.25
CA LYS A 151 14.26 -16.73 13.41
C LYS A 151 14.01 -15.24 13.18
N SER A 152 14.22 -14.43 14.21
CA SER A 152 14.00 -12.98 14.11
C SER A 152 14.85 -12.36 13.00
N ASP A 153 16.01 -12.95 12.73
CA ASP A 153 16.91 -12.48 11.67
C ASP A 153 17.53 -13.73 11.03
N ALA A 154 17.94 -13.62 9.78
CA ALA A 154 18.50 -14.77 9.07
C ALA A 154 19.82 -15.30 9.62
N LEU A 155 20.66 -14.44 10.19
CA LEU A 155 21.93 -14.91 10.73
C LEU A 155 21.63 -15.88 11.86
N GLN A 156 20.70 -15.49 12.72
CA GLN A 156 20.31 -16.30 13.86
C GLN A 156 19.73 -17.63 13.37
N GLY A 157 19.10 -17.60 12.21
CA GLY A 157 18.52 -18.82 11.68
C GLY A 157 19.36 -19.48 10.61
N LEU A 158 20.63 -19.08 10.51
CA LEU A 158 21.51 -19.62 9.49
C LEU A 158 21.74 -21.13 9.55
N SER A 159 21.94 -21.67 10.74
CA SER A 159 22.16 -23.11 10.84
C SER A 159 20.92 -23.82 10.31
N LYS A 160 19.75 -23.25 10.57
CA LYS A 160 18.49 -23.83 10.10
C LYS A 160 18.42 -23.73 8.58
N ILE A 161 18.82 -22.58 8.04
CA ILE A 161 18.83 -22.37 6.59
C ILE A 161 19.74 -23.40 5.91
N GLU A 163 20.28 -26.35 6.93
CA GLU A 163 19.57 -27.62 6.98
C GLU A 163 18.54 -27.66 5.85
N LEU A 164 17.84 -26.54 5.66
CA LEU A 164 16.85 -26.43 4.61
C LEU A 164 17.48 -26.69 3.25
N ILE A 165 18.64 -26.10 3.02
CA ILE A 165 19.35 -26.22 1.75
C ILE A 165 19.70 -27.65 1.35
N ALA A 166 20.00 -28.48 2.35
CA ALA A 166 20.36 -29.87 2.09
C ALA A 166 19.16 -30.79 2.05
N HIS A 167 18.06 -30.36 2.66
CA HIS A 167 16.85 -31.17 2.72
C HIS A 167 16.42 -31.72 1.37
N ARG A 168 16.27 -30.82 0.41
CA ARG A 168 15.86 -31.22 -0.92
C ARG A 168 16.24 -30.10 -1.85
N ASP A 169 15.92 -30.28 -3.12
CA ASP A 169 16.25 -29.28 -4.13
C ASP A 169 14.96 -28.56 -4.52
N ALA A 170 13.99 -28.60 -3.61
CA ALA A 170 12.69 -27.97 -3.80
C ALA A 170 12.88 -26.51 -4.16
N PRO A 171 12.10 -25.57 -3.60
CA PRO A 171 12.45 -24.25 -4.08
C PRO A 171 13.82 -23.81 -3.61
N ILE A 172 14.40 -22.86 -4.32
CA ILE A 172 15.70 -22.32 -3.96
C ILE A 172 15.53 -21.60 -2.62
N ILE A 173 16.51 -21.72 -1.73
CA ILE A 173 16.44 -21.06 -0.43
C ILE A 173 17.09 -19.69 -0.52
N ALA A 175 18.00 -16.43 1.62
CA ALA A 175 18.10 -15.88 2.97
C ALA A 175 17.70 -14.41 3.02
N GLY A 176 16.85 -14.07 3.99
CA GLY A 176 16.40 -12.70 4.14
C GLY A 176 16.09 -12.36 5.58
N ALA A 177 16.09 -11.06 5.86
CA ALA A 177 15.83 -10.50 7.20
C ALA A 177 17.13 -10.23 7.93
N GLY A 178 17.59 -8.98 7.88
CA GLY A 178 18.81 -8.60 8.56
C GLY A 178 20.09 -8.86 7.78
N VAL A 179 19.98 -9.25 6.52
CA VAL A 179 21.15 -9.51 5.70
C VAL A 179 21.72 -8.18 5.22
N ARG A 180 23.00 -7.97 5.47
CA ARG A 180 23.66 -6.73 5.06
C ARG A 180 25.13 -6.95 4.75
N ALA A 181 25.80 -5.94 4.22
CA ALA A 181 27.21 -6.03 3.88
C ALA A 181 28.02 -6.60 5.04
N GLU A 182 27.71 -6.14 6.25
CA GLU A 182 28.41 -6.58 7.44
C GLU A 182 28.42 -8.09 7.71
N ASN A 183 27.30 -8.77 7.45
CA ASN A 183 27.24 -10.21 7.71
C ASN A 183 27.05 -11.08 6.46
N LEU A 184 27.13 -10.48 5.28
CA LEU A 184 26.93 -11.22 4.03
C LEU A 184 27.82 -12.45 3.91
N HIS A 185 29.09 -12.33 4.28
CA HIS A 185 30.03 -13.44 4.16
C HIS A 185 29.59 -14.71 4.89
N HIS A 186 28.84 -14.56 5.96
CA HIS A 186 28.35 -15.74 6.69
C HIS A 186 27.42 -16.57 5.82
N PHE A 187 26.50 -15.90 5.14
CA PHE A 187 25.57 -16.59 4.28
C PHE A 187 26.28 -17.21 3.09
N LEU A 188 27.26 -16.50 2.54
CA LEU A 188 28.01 -17.02 1.40
C LEU A 188 28.80 -18.27 1.82
N ASP A 189 29.49 -18.21 2.96
CA ASP A 189 30.26 -19.35 3.43
C ASP A 189 29.32 -20.53 3.73
N ALA A 190 28.11 -20.22 4.18
CA ALA A 190 27.13 -21.26 4.48
C ALA A 190 26.69 -21.98 3.21
N GLY A 191 26.88 -21.33 2.06
CA GLY A 191 26.49 -21.95 0.80
C GLY A 191 25.13 -21.52 0.28
N VAL A 192 24.63 -20.39 0.76
CA VAL A 192 23.33 -19.90 0.31
C VAL A 192 23.44 -19.43 -1.14
N LEU A 193 22.49 -19.83 -1.97
CA LEU A 193 22.49 -19.49 -3.40
C LEU A 193 21.97 -18.09 -3.70
N GLU A 194 21.00 -17.62 -2.92
CA GLU A 194 20.42 -16.29 -3.13
C GLU A 194 20.23 -15.58 -1.81
N VAL A 195 20.42 -14.27 -1.83
CA VAL A 195 20.26 -13.48 -0.62
C VAL A 195 19.38 -12.25 -0.92
N HIS A 196 18.59 -11.88 0.08
CA HIS A 196 17.66 -10.75 -0.03
C HIS A 196 17.98 -9.69 1.01
N SER A 197 17.96 -8.43 0.58
CA SER A 197 18.23 -7.31 1.48
C SER A 197 17.48 -6.04 1.05
N SER A 198 17.07 -5.24 2.02
CA SER A 198 16.39 -3.98 1.71
C SER A 198 17.46 -2.90 1.54
N ALA A 199 18.61 -3.13 2.17
CA ALA A 199 19.74 -2.21 2.09
C ALA A 199 19.29 -0.75 2.03
N GLY A 200 18.41 -0.37 2.94
CA GLY A 200 17.92 1.00 2.90
C GLY A 200 17.93 1.73 4.21
N ALA A 201 17.31 2.90 4.21
CA ALA A 201 17.23 3.73 5.41
C ALA A 201 16.09 4.70 5.24
N TRP A 202 15.59 5.20 6.37
CA TRP A 202 14.52 6.17 6.34
C TRP A 202 15.15 7.54 6.15
N GLN A 203 14.75 8.20 5.08
CA GLN A 203 15.24 9.51 4.71
C GLN A 203 14.31 10.60 5.25
N ALA A 204 14.89 11.67 5.77
CA ALA A 204 14.10 12.77 6.30
C ALA A 204 13.36 13.51 5.18
N SER A 205 12.19 14.03 5.49
CA SER A 205 11.41 14.78 4.51
C SER A 205 12.07 16.11 4.23
N PRO A 206 12.04 16.57 2.97
CA PRO A 206 12.67 17.85 2.64
C PRO A 206 11.79 19.05 3.03
N ARG A 208 10.11 22.15 4.40
CA ARG A 208 10.66 23.29 5.11
C ARG A 208 9.56 24.01 5.89
N TYR A 209 8.35 23.46 5.84
CA TYR A 209 7.21 24.03 6.55
C TYR A 209 6.44 22.89 7.20
N ARG A 210 6.16 23.04 8.49
CA ARG A 210 5.44 22.01 9.24
C ARG A 210 4.58 22.63 10.34
N TYR A 225 7.49 12.52 8.70
CA TYR A 225 8.33 13.18 7.69
C TYR A 225 9.55 12.35 7.35
N SER A 226 9.33 11.17 6.77
CA SER A 226 10.40 10.26 6.39
C SER A 226 9.99 9.47 5.14
N ARG A 227 10.99 8.95 4.43
CA ARG A 227 10.77 8.17 3.21
C ARG A 227 11.81 7.03 3.21
N TYR A 228 11.38 5.82 2.88
CA TYR A 228 12.34 4.70 2.87
C TYR A 228 12.97 4.56 1.49
N ILE A 229 14.28 4.71 1.42
CA ILE A 229 15.02 4.63 0.16
C ILE A 229 16.18 3.64 0.25
N VAL A 230 16.58 3.10 -0.90
CA VAL A 230 17.68 2.14 -0.96
C VAL A 230 19.03 2.85 -0.86
N ASP A 231 20.03 2.15 -0.29
CA ASP A 231 21.38 2.71 -0.18
C ASP A 231 22.17 2.03 -1.30
N GLY A 232 22.40 2.77 -2.38
CA GLY A 232 23.13 2.24 -3.52
C GLY A 232 24.55 1.79 -3.20
N ALA A 233 25.18 2.44 -2.23
CA ALA A 233 26.54 2.09 -1.84
C ALA A 233 26.53 0.72 -1.17
N ALA A 234 25.54 0.49 -0.32
CA ALA A 234 25.42 -0.78 0.38
C ALA A 234 25.19 -1.89 -0.65
N VAL A 235 24.33 -1.61 -1.62
CA VAL A 235 24.05 -2.58 -2.67
C VAL A 235 25.34 -2.91 -3.40
N ALA A 236 26.11 -1.87 -3.73
CA ALA A 236 27.38 -2.06 -4.44
C ALA A 236 28.38 -2.83 -3.59
N GLU A 237 28.44 -2.51 -2.30
CA GLU A 237 29.37 -3.20 -1.42
C GLU A 237 29.05 -4.69 -1.33
N LYS A 239 27.49 -6.56 -3.58
CA LYS A 239 27.80 -7.24 -4.83
C LYS A 239 29.32 -7.47 -4.87
N GLY A 240 30.08 -6.54 -4.31
CA GLY A 240 31.53 -6.68 -4.28
C GLY A 240 31.92 -7.90 -3.47
N ILE A 241 31.34 -8.02 -2.27
CA ILE A 241 31.60 -9.15 -1.39
C ILE A 241 31.28 -10.45 -2.12
N ILE A 242 30.14 -10.47 -2.82
CA ILE A 242 29.73 -11.66 -3.55
C ILE A 242 30.76 -11.99 -4.64
N GLU A 243 31.14 -10.99 -5.41
CA GLU A 243 32.13 -11.18 -6.47
C GLU A 243 33.45 -11.70 -5.91
N ARG A 244 33.95 -11.04 -4.87
CA ARG A 244 35.21 -11.45 -4.26
C ARG A 244 35.13 -12.84 -3.65
N HIS A 245 33.96 -13.20 -3.14
CA HIS A 245 33.78 -14.51 -2.51
C HIS A 245 34.20 -15.69 -3.38
N GLN A 246 33.61 -15.78 -4.57
CA GLN A 246 33.94 -16.88 -5.47
C GLN A 246 35.08 -16.54 -6.43
N ALA A 247 35.84 -15.50 -6.09
CA ALA A 247 36.97 -15.08 -6.91
C ALA A 247 38.25 -15.08 -6.07
N LYS A 248 38.09 -15.14 -4.75
CA LYS A 248 39.20 -15.16 -3.81
C LYS A 248 40.44 -15.86 -4.41
N ALA B 2 -26.55 15.80 5.21
CA ALA B 2 -25.10 15.73 5.13
C ALA B 2 -24.67 14.45 4.41
N LEU B 3 -23.58 14.52 3.67
CA LEU B 3 -23.04 13.39 2.92
C LEU B 3 -22.07 12.59 3.80
N LEU B 4 -22.26 11.27 3.86
CA LEU B 4 -21.39 10.40 4.67
C LEU B 4 -20.39 9.61 3.82
N GLU B 5 -19.11 9.93 3.96
CA GLU B 5 -18.06 9.23 3.23
C GLU B 5 -17.30 8.35 4.22
N ILE B 6 -17.12 7.08 3.86
CA ILE B 6 -16.40 6.15 4.71
C ILE B 6 -15.09 5.70 4.05
N CYS B 7 -13.99 5.79 4.79
CA CYS B 7 -12.69 5.36 4.27
C CYS B 7 -12.63 3.83 4.42
N CYS B 8 -12.42 3.13 3.30
CA CYS B 8 -12.36 1.66 3.33
C CYS B 8 -11.03 1.14 2.80
N TYR B 9 -10.51 0.10 3.46
CA TYR B 9 -9.24 -0.49 3.05
C TYR B 9 -9.36 -1.82 2.34
N SER B 10 -10.56 -2.17 1.89
CA SER B 10 -10.78 -3.41 1.16
C SER B 10 -12.12 -3.34 0.43
N GLU B 12 -14.43 -5.65 0.57
CA GLU B 12 -15.45 -6.11 1.50
C GLU B 12 -15.91 -4.98 2.41
N CYS B 13 -14.98 -4.17 2.88
CA CYS B 13 -15.32 -3.05 3.76
C CYS B 13 -16.17 -2.00 3.03
N ALA B 14 -15.84 -1.76 1.76
CA ALA B 14 -16.59 -0.78 0.98
C ALA B 14 -18.03 -1.26 0.77
N LEU B 15 -18.19 -2.57 0.62
CA LEU B 15 -19.50 -3.18 0.43
C LEU B 15 -20.28 -3.06 1.73
N THR B 16 -19.62 -3.33 2.85
CA THR B 16 -20.24 -3.23 4.16
C THR B 16 -20.69 -1.78 4.40
N ALA B 17 -19.87 -0.83 3.99
CA ALA B 17 -20.21 0.58 4.17
C ALA B 17 -21.44 0.90 3.31
N GLN B 18 -21.45 0.39 2.09
CA GLN B 18 -22.56 0.62 1.17
C GLN B 18 -23.86 0.08 1.78
N GLN B 19 -23.82 -1.17 2.22
CA GLN B 19 -24.99 -1.80 2.79
C GLN B 19 -25.45 -1.19 4.10
N ASN B 20 -24.60 -0.36 4.70
CA ASN B 20 -24.96 0.27 5.97
C ASN B 20 -25.29 1.77 5.92
N GLY B 21 -25.54 2.28 4.72
CA GLY B 21 -25.91 3.68 4.60
C GLY B 21 -24.89 4.69 4.11
N ALA B 22 -23.66 4.26 3.84
CA ALA B 22 -22.64 5.18 3.38
C ALA B 22 -23.06 5.78 2.03
N ASP B 23 -22.80 7.07 1.86
CA ASP B 23 -23.15 7.73 0.61
C ASP B 23 -21.99 7.60 -0.37
N ARG B 24 -20.79 7.48 0.16
CA ARG B 24 -19.61 7.38 -0.68
C ARG B 24 -18.47 6.68 0.05
N VAL B 25 -17.52 6.18 -0.73
CA VAL B 25 -16.38 5.47 -0.16
C VAL B 25 -15.08 6.01 -0.71
N GLU B 26 -14.09 6.13 0.17
CA GLU B 26 -12.75 6.54 -0.23
C GLU B 26 -12.05 5.20 -0.14
N LEU B 27 -11.53 4.71 -1.26
CA LEU B 27 -10.85 3.41 -1.27
C LEU B 27 -9.34 3.56 -1.13
N CYS B 28 -8.78 2.91 -0.11
CA CYS B 28 -7.34 2.97 0.14
C CYS B 28 -6.79 1.60 0.46
N ALA B 29 -5.46 1.55 0.54
CA ALA B 29 -4.74 0.35 0.91
C ALA B 29 -3.75 0.83 1.97
N ALA B 30 -3.21 -0.08 2.77
CA ALA B 30 -2.20 0.27 3.77
C ALA B 30 -2.62 1.24 4.87
N PRO B 31 -3.50 0.82 5.78
CA PRO B 31 -3.90 1.73 6.85
C PRO B 31 -2.74 2.28 7.69
N LYS B 32 -1.69 1.48 7.88
CA LYS B 32 -0.55 1.93 8.68
C LYS B 32 0.25 3.06 8.02
N GLU B 33 0.02 3.28 6.73
CA GLU B 33 0.70 4.33 5.98
C GLU B 33 -0.19 5.56 5.86
N GLY B 34 -1.43 5.44 6.32
CA GLY B 34 -2.35 6.56 6.22
C GLY B 34 -3.14 6.51 4.93
N GLY B 35 -2.97 5.42 4.17
CA GLY B 35 -3.70 5.26 2.93
C GLY B 35 -2.87 5.47 1.67
N LEU B 36 -2.72 4.41 0.89
CA LEU B 36 -1.96 4.44 -0.34
C LEU B 36 -2.84 3.91 -1.47
N THR B 37 -2.39 4.10 -2.70
CA THR B 37 -3.15 3.65 -3.87
C THR B 37 -3.42 2.15 -3.83
N PRO B 38 -4.66 1.75 -4.13
CA PRO B 38 -4.97 0.33 -4.13
C PRO B 38 -4.38 -0.34 -5.37
N SER B 39 -4.14 -1.65 -5.30
CA SER B 39 -3.60 -2.37 -6.45
C SER B 39 -4.69 -2.43 -7.52
N LEU B 40 -4.31 -2.74 -8.75
CA LEU B 40 -5.29 -2.83 -9.83
C LEU B 40 -6.34 -3.89 -9.52
N GLY B 41 -5.91 -4.98 -8.89
CA GLY B 41 -6.83 -6.05 -8.55
C GLY B 41 -7.93 -5.58 -7.61
N VAL B 42 -7.57 -4.76 -6.62
CA VAL B 42 -8.55 -4.23 -5.69
C VAL B 42 -9.45 -3.23 -6.40
N LEU B 43 -8.86 -2.38 -7.23
CA LEU B 43 -9.65 -1.38 -7.97
C LEU B 43 -10.71 -2.05 -8.82
N LYS B 44 -10.29 -3.01 -9.65
CA LYS B 44 -11.22 -3.70 -10.52
C LYS B 44 -12.28 -4.41 -9.69
N SER B 45 -11.84 -5.03 -8.60
CA SER B 45 -12.76 -5.74 -7.72
C SER B 45 -13.87 -4.82 -7.20
N VAL B 46 -13.50 -3.62 -6.80
CA VAL B 46 -14.47 -2.66 -6.29
C VAL B 46 -15.42 -2.17 -7.38
N ARG B 47 -14.91 -1.97 -8.58
CA ARG B 47 -15.74 -1.49 -9.69
C ARG B 47 -16.80 -2.52 -10.03
N GLN B 48 -16.45 -3.79 -9.85
CA GLN B 48 -17.37 -4.88 -10.14
C GLN B 48 -18.35 -5.14 -9.00
N ARG B 49 -17.98 -4.80 -7.78
CA ARG B 49 -18.83 -5.08 -6.63
C ARG B 49 -19.51 -3.95 -5.88
N VAL B 50 -18.99 -2.73 -5.99
CA VAL B 50 -19.57 -1.60 -5.25
C VAL B 50 -20.33 -0.62 -6.17
N THR B 51 -21.57 -0.33 -5.81
CA THR B 51 -22.40 0.56 -6.62
C THR B 51 -22.37 2.03 -6.23
N ILE B 52 -22.29 2.33 -4.94
CA ILE B 52 -22.24 3.74 -4.54
C ILE B 52 -20.93 4.35 -5.02
N PRO B 53 -20.84 5.69 -5.06
CA PRO B 53 -19.62 6.36 -5.52
C PRO B 53 -18.37 5.96 -4.75
N VAL B 54 -17.33 5.60 -5.49
CA VAL B 54 -16.06 5.22 -4.91
C VAL B 54 -14.95 6.12 -5.45
N HIS B 55 -14.17 6.71 -4.54
CA HIS B 55 -13.05 7.59 -4.91
C HIS B 55 -11.76 6.96 -4.40
N PRO B 56 -10.97 6.36 -5.30
CA PRO B 56 -9.71 5.75 -4.88
C PRO B 56 -8.66 6.82 -4.54
N ILE B 57 -7.84 6.55 -3.53
CA ILE B 57 -6.79 7.52 -3.20
C ILE B 57 -5.62 7.22 -4.13
N ILE B 58 -4.93 8.27 -4.56
CA ILE B 58 -3.77 8.11 -5.42
C ILE B 58 -2.63 8.68 -4.59
N ARG B 59 -1.86 7.78 -3.97
CA ARG B 59 -0.76 8.15 -3.10
C ARG B 59 0.22 6.97 -3.11
N PRO B 60 1.40 7.14 -3.73
CA PRO B 60 2.40 6.10 -3.83
C PRO B 60 3.12 5.70 -2.54
N ARG B 61 3.16 6.60 -1.58
CA ARG B 61 3.84 6.32 -0.31
C ARG B 61 3.33 7.24 0.79
N GLY B 62 3.64 6.90 2.02
CA GLY B 62 3.22 7.72 3.13
C GLY B 62 4.16 8.90 3.27
N GLY B 63 4.06 9.62 4.39
CA GLY B 63 4.93 10.77 4.58
C GLY B 63 4.43 12.01 3.86
N ASP B 64 5.35 12.86 3.44
CA ASP B 64 5.01 14.11 2.77
C ASP B 64 4.40 13.93 1.39
N PHE B 65 3.96 15.05 0.81
CA PHE B 65 3.33 15.02 -0.50
C PHE B 65 4.19 15.72 -1.56
N CYS B 66 5.50 15.68 -1.35
CA CYS B 66 6.47 16.28 -2.27
C CYS B 66 7.08 15.12 -3.04
N TYR B 67 6.33 14.59 -4.00
CA TYR B 67 6.79 13.44 -4.77
C TYR B 67 7.90 13.70 -5.76
N SER B 68 8.68 12.66 -6.05
CA SER B 68 9.77 12.76 -7.02
C SER B 68 9.13 12.63 -8.39
N ASP B 69 9.92 12.83 -9.44
CA ASP B 69 9.38 12.72 -10.79
C ASP B 69 8.95 11.29 -11.08
N GLY B 70 9.67 10.34 -10.50
CA GLY B 70 9.34 8.93 -10.70
C GLY B 70 8.01 8.59 -10.06
N GLU B 71 7.81 9.07 -8.84
CA GLU B 71 6.57 8.81 -8.14
C GLU B 71 5.45 9.55 -8.85
N PHE B 72 5.76 10.76 -9.33
CA PHE B 72 4.76 11.55 -10.04
C PHE B 72 4.33 10.89 -11.34
N ALA B 73 5.28 10.26 -12.04
CA ALA B 73 4.96 9.58 -13.30
C ALA B 73 3.94 8.48 -13.01
N ALA B 74 4.13 7.79 -11.89
CA ALA B 74 3.23 6.71 -11.50
C ALA B 74 1.85 7.29 -11.13
N ILE B 75 1.87 8.41 -10.40
CA ILE B 75 0.63 9.07 -10.00
C ILE B 75 -0.23 9.45 -11.22
N LEU B 76 0.40 10.01 -12.25
CA LEU B 76 -0.37 10.39 -13.43
C LEU B 76 -0.97 9.15 -14.10
N GLU B 77 -0.19 8.08 -14.18
CA GLU B 77 -0.69 6.85 -14.79
C GLU B 77 -1.84 6.27 -13.94
N ASP B 78 -1.74 6.38 -12.62
CA ASP B 78 -2.79 5.87 -11.75
C ASP B 78 -4.07 6.69 -11.92
N VAL B 79 -3.92 7.99 -12.14
CA VAL B 79 -5.06 8.86 -12.35
C VAL B 79 -5.76 8.45 -13.66
N ARG B 80 -4.98 8.28 -14.71
CA ARG B 80 -5.54 7.87 -16.00
C ARG B 80 -6.24 6.52 -15.84
N THR B 81 -5.62 5.62 -15.08
CA THR B 81 -6.16 4.29 -14.87
C THR B 81 -7.49 4.31 -14.12
N VAL B 82 -7.56 5.09 -13.04
CA VAL B 82 -8.78 5.19 -12.26
C VAL B 82 -9.91 5.79 -13.10
N ARG B 83 -9.57 6.75 -13.96
CA ARG B 83 -10.56 7.36 -14.83
C ARG B 83 -11.08 6.30 -15.80
N GLU B 84 -10.16 5.59 -16.44
CA GLU B 84 -10.54 4.58 -17.41
C GLU B 84 -11.36 3.42 -16.81
N LEU B 85 -11.10 3.08 -15.55
CA LEU B 85 -11.86 2.01 -14.89
C LEU B 85 -13.29 2.45 -14.59
N GLY B 86 -13.56 3.74 -14.75
CA GLY B 86 -14.92 4.23 -14.51
C GLY B 86 -15.24 4.80 -13.14
N PHE B 87 -14.26 5.03 -12.27
CA PHE B 87 -14.57 5.61 -10.96
C PHE B 87 -15.07 7.03 -11.21
N PRO B 88 -16.03 7.51 -10.38
CA PRO B 88 -16.56 8.86 -10.55
C PRO B 88 -15.69 9.97 -9.94
N GLY B 89 -14.67 9.58 -9.20
CA GLY B 89 -13.80 10.56 -8.59
C GLY B 89 -12.56 9.90 -8.02
N LEU B 90 -11.64 10.71 -7.49
CA LEU B 90 -10.41 10.20 -6.91
C LEU B 90 -9.92 11.17 -5.83
N VAL B 91 -8.98 10.72 -5.01
CA VAL B 91 -8.44 11.51 -3.92
C VAL B 91 -6.93 11.62 -4.02
N THR B 92 -6.39 12.84 -3.96
CA THR B 92 -4.95 13.00 -4.06
C THR B 92 -4.51 14.38 -3.57
N GLY B 93 -3.21 14.66 -3.67
CA GLY B 93 -2.69 15.94 -3.23
C GLY B 93 -1.18 16.05 -3.36
N VAL B 94 -0.71 17.18 -3.86
CA VAL B 94 0.72 17.40 -4.06
C VAL B 94 1.12 18.80 -3.60
N LEU B 95 2.17 18.87 -2.78
CA LEU B 95 2.67 20.13 -2.23
C LEU B 95 4.16 20.33 -2.55
N ASP B 96 4.63 21.58 -2.54
CA ASP B 96 6.05 21.82 -2.77
C ASP B 96 6.72 21.73 -1.39
N VAL B 97 8.04 21.86 -1.33
CA VAL B 97 8.74 21.76 -0.06
C VAL B 97 8.34 22.78 0.99
N ASP B 98 7.68 23.86 0.58
CA ASP B 98 7.30 24.89 1.56
C ASP B 98 5.86 24.78 2.03
N GLY B 99 5.15 23.76 1.57
CA GLY B 99 3.77 23.59 1.99
C GLY B 99 2.75 24.30 1.12
N ASN B 100 3.18 24.74 -0.07
CA ASN B 100 2.26 25.40 -1.00
C ASN B 100 1.78 24.30 -1.95
N VAL B 101 0.56 24.43 -2.43
CA VAL B 101 0.05 23.44 -3.38
C VAL B 101 0.94 23.52 -4.59
N ASP B 102 1.38 22.37 -5.10
CA ASP B 102 2.23 22.37 -6.28
C ASP B 102 1.28 22.50 -7.48
N PRO B 104 1.64 23.42 -10.85
CA PRO B 104 1.90 22.75 -12.12
C PRO B 104 1.55 21.26 -12.02
N ARG B 105 1.94 20.62 -10.92
CA ARG B 105 1.65 19.21 -10.77
C ARG B 105 0.18 18.89 -10.65
N GLU B 107 -2.26 20.62 -11.83
CA GLU B 107 -2.90 20.88 -13.12
C GLU B 107 -2.78 19.65 -14.01
N LYS B 108 -1.63 18.99 -13.96
CA LYS B 108 -1.42 17.79 -14.76
C LYS B 108 -2.33 16.66 -14.27
N ILE B 109 -2.56 16.60 -12.96
CA ILE B 109 -3.44 15.59 -12.38
C ILE B 109 -4.88 15.87 -12.82
N ALA B 111 -5.86 17.42 -15.51
CA ALA B 111 -5.97 17.11 -16.93
C ALA B 111 -6.14 15.61 -17.14
N ALA B 112 -5.38 14.81 -16.40
CA ALA B 112 -5.46 13.35 -16.53
C ALA B 112 -6.75 12.80 -15.93
N ALA B 113 -7.28 13.49 -14.94
CA ALA B 113 -8.50 13.06 -14.27
C ALA B 113 -9.75 13.25 -15.11
N GLY B 114 -9.68 14.12 -16.10
CA GLY B 114 -10.84 14.36 -16.96
C GLY B 114 -12.07 14.84 -16.21
N PRO B 115 -13.22 14.17 -16.38
CA PRO B 115 -14.47 14.56 -15.72
C PRO B 115 -14.59 14.10 -14.26
N LEU B 116 -13.60 13.39 -13.76
CA LEU B 116 -13.66 12.90 -12.39
C LEU B 116 -13.71 13.99 -11.31
N ALA B 117 -14.47 13.72 -10.26
CA ALA B 117 -14.60 14.65 -9.15
C ALA B 117 -13.37 14.41 -8.27
N VAL B 118 -12.44 15.36 -8.26
CA VAL B 118 -11.21 15.22 -7.50
C VAL B 118 -11.27 15.81 -6.09
N THR B 119 -10.86 15.00 -5.10
CA THR B 119 -10.81 15.44 -3.72
C THR B 119 -9.34 15.74 -3.38
N PHE B 120 -9.06 16.94 -2.86
CA PHE B 120 -7.69 17.25 -2.44
C PHE B 120 -7.72 16.76 -0.99
N HIS B 121 -6.88 15.80 -0.65
CA HIS B 121 -6.93 15.25 0.70
C HIS B 121 -6.26 16.08 1.80
N ARG B 122 -5.97 15.43 2.93
CA ARG B 122 -5.40 16.10 4.08
C ARG B 122 -4.04 16.73 3.88
N ALA B 123 -3.54 16.70 2.65
CA ALA B 123 -2.28 17.37 2.38
C ALA B 123 -2.64 18.83 2.67
N PHE B 124 -3.92 19.16 2.51
CA PHE B 124 -4.39 20.51 2.79
C PHE B 124 -4.08 20.92 4.23
N ASP B 125 -4.16 19.99 5.17
CA ASP B 125 -3.88 20.30 6.56
C ASP B 125 -2.40 20.52 6.86
N CYS B 127 -0.57 22.23 4.61
CA CYS B 127 -0.20 23.39 3.81
C CYS B 127 -0.29 24.72 4.53
N ALA B 128 0.41 25.71 3.99
CA ALA B 128 0.40 27.05 4.57
C ALA B 128 -0.63 27.87 3.80
N ASN B 129 -1.19 28.88 4.44
CA ASN B 129 -2.17 29.77 3.82
C ASN B 129 -3.45 29.05 3.37
N PRO B 130 -4.31 28.66 4.33
CA PRO B 130 -5.58 27.95 4.09
C PRO B 130 -6.50 28.59 3.05
N LEU B 131 -6.77 29.89 3.21
CA LEU B 131 -7.66 30.60 2.30
C LEU B 131 -7.08 30.73 0.89
N TYR B 132 -5.81 31.13 0.83
CA TYR B 132 -5.09 31.27 -0.43
C TYR B 132 -5.11 29.91 -1.13
N THR B 133 -4.93 28.86 -0.34
CA THR B 133 -4.93 27.50 -0.88
C THR B 133 -6.31 27.12 -1.42
N LEU B 134 -7.36 27.41 -0.65
CA LEU B 134 -8.71 27.10 -1.10
C LEU B 134 -8.98 27.80 -2.43
N ASN B 135 -8.62 29.08 -2.51
CA ASN B 135 -8.83 29.83 -3.75
C ASN B 135 -8.15 29.12 -4.91
N ASN B 136 -6.93 28.65 -4.69
CA ASN B 136 -6.22 27.96 -5.75
C ASN B 136 -6.80 26.59 -6.08
N LEU B 137 -7.37 25.91 -5.08
CA LEU B 137 -7.97 24.61 -5.35
C LEU B 137 -9.21 24.82 -6.22
N ALA B 138 -9.95 25.89 -5.93
CA ALA B 138 -11.14 26.22 -6.71
C ALA B 138 -10.71 26.50 -8.14
N GLU B 139 -9.58 27.18 -8.30
CA GLU B 139 -9.06 27.51 -9.62
C GLU B 139 -8.70 26.25 -10.41
N LEU B 140 -8.19 25.24 -9.71
CA LEU B 140 -7.83 23.97 -10.34
C LEU B 140 -9.07 23.16 -10.73
N GLY B 141 -10.17 23.43 -10.05
CA GLY B 141 -11.39 22.70 -10.33
C GLY B 141 -11.61 21.56 -9.33
N ILE B 142 -10.92 21.63 -8.20
CA ILE B 142 -11.05 20.61 -7.15
C ILE B 142 -12.50 20.61 -6.67
N ALA B 143 -13.11 19.42 -6.59
CA ALA B 143 -14.50 19.32 -6.16
C ALA B 143 -14.70 19.48 -4.66
N ARG B 144 -13.80 18.90 -3.87
CA ARG B 144 -13.91 18.98 -2.42
C ARG B 144 -12.55 18.81 -1.76
N VAL B 145 -12.47 19.23 -0.51
CA VAL B 145 -11.23 19.15 0.25
C VAL B 145 -11.48 18.39 1.56
N LEU B 146 -10.65 17.40 1.84
CA LEU B 146 -10.78 16.61 3.06
C LEU B 146 -9.90 17.34 4.08
N THR B 147 -10.49 17.84 5.16
CA THR B 147 -9.69 18.60 6.13
C THR B 147 -10.14 18.52 7.59
N SER B 148 -9.18 18.70 8.49
CA SER B 148 -9.43 18.67 9.92
C SER B 148 -9.23 20.09 10.45
N GLY B 149 -9.37 21.07 9.57
CA GLY B 149 -9.19 22.45 9.98
C GLY B 149 -7.74 22.71 10.35
N GLN B 150 -6.86 21.83 9.87
CA GLN B 150 -5.42 21.92 10.13
C GLN B 150 -5.07 21.64 11.58
N LYS B 151 -5.87 20.80 12.24
CA LYS B 151 -5.62 20.42 13.63
C LYS B 151 -5.45 18.91 13.71
N SER B 152 -5.12 18.40 14.89
CA SER B 152 -4.91 16.96 15.09
C SER B 152 -6.17 16.16 14.75
N ASP B 153 -7.32 16.77 14.94
CA ASP B 153 -8.59 16.13 14.61
C ASP B 153 -9.57 17.22 14.21
N ALA B 154 -10.52 16.86 13.37
CA ALA B 154 -11.49 17.84 12.87
C ALA B 154 -12.27 18.62 13.94
N LEU B 155 -12.57 17.99 15.07
CA LEU B 155 -13.32 18.68 16.11
C LEU B 155 -12.51 19.86 16.65
N GLN B 156 -11.21 19.68 16.81
CA GLN B 156 -10.36 20.77 17.29
C GLN B 156 -10.29 21.88 16.25
N GLY B 157 -10.32 21.48 14.97
CA GLY B 157 -10.26 22.46 13.90
C GLY B 157 -11.62 22.88 13.41
N LEU B 158 -12.63 22.71 14.25
CA LEU B 158 -14.00 23.06 13.88
C LEU B 158 -14.19 24.54 13.52
N SER B 159 -13.58 25.43 14.28
CA SER B 159 -13.73 26.85 14.00
C SER B 159 -13.08 27.17 12.65
N LYS B 160 -11.95 26.53 12.38
CA LYS B 160 -11.25 26.76 11.12
C LYS B 160 -12.10 26.20 9.99
N ILE B 161 -12.61 24.99 10.17
CA ILE B 161 -13.46 24.36 9.17
C ILE B 161 -14.62 25.29 8.79
N GLU B 163 -14.66 28.42 9.00
CA GLU B 163 -14.07 29.56 8.31
C GLU B 163 -13.94 29.22 6.82
N LEU B 164 -13.48 28.01 6.54
CA LEU B 164 -13.30 27.55 5.17
C LEU B 164 -14.63 27.50 4.43
N ILE B 165 -15.65 26.99 5.09
CA ILE B 165 -16.98 26.90 4.50
C ILE B 165 -17.51 28.29 4.13
N ALA B 166 -17.35 29.23 5.06
CA ALA B 166 -17.82 30.61 4.86
C ALA B 166 -16.92 31.44 3.93
N HIS B 167 -15.78 30.90 3.54
CA HIS B 167 -14.90 31.65 2.66
C HIS B 167 -15.26 31.46 1.19
N ARG B 168 -15.55 30.23 0.82
CA ARG B 168 -15.89 29.92 -0.55
C ARG B 168 -16.89 28.78 -0.56
N ASP B 169 -17.68 28.68 -1.63
CA ASP B 169 -18.66 27.62 -1.75
C ASP B 169 -17.97 26.39 -2.33
N ALA B 170 -16.94 26.64 -3.13
CA ALA B 170 -16.17 25.58 -3.77
C ALA B 170 -14.71 25.84 -3.46
N PRO B 171 -13.93 24.78 -3.20
CA PRO B 171 -14.37 23.38 -3.16
C PRO B 171 -15.24 23.13 -1.93
N ILE B 172 -15.99 22.05 -1.95
CA ILE B 172 -16.83 21.69 -0.82
C ILE B 172 -15.90 21.28 0.31
N ILE B 173 -16.23 21.66 1.54
CA ILE B 173 -15.40 21.32 2.68
C ILE B 173 -15.93 20.03 3.33
N ALA B 175 -15.27 17.46 6.43
CA ALA B 175 -14.58 17.29 7.70
C ALA B 175 -14.11 15.86 7.89
N GLY B 176 -12.84 15.72 8.27
CA GLY B 176 -12.27 14.41 8.47
C GLY B 176 -11.16 14.39 9.51
N ALA B 177 -10.98 13.23 10.13
CA ALA B 177 -9.99 12.96 11.17
C ALA B 177 -10.65 12.96 12.56
N GLY B 178 -10.87 11.78 13.11
CA GLY B 178 -11.50 11.67 14.42
C GLY B 178 -13.01 11.83 14.40
N VAL B 179 -13.60 11.91 13.20
CA VAL B 179 -15.04 12.05 13.10
C VAL B 179 -15.70 10.72 13.40
N ARG B 180 -16.54 10.70 14.43
CA ARG B 180 -17.24 9.49 14.83
C ARG B 180 -18.65 9.83 15.31
N ALA B 181 -19.44 8.80 15.59
CA ALA B 181 -20.82 8.99 16.05
C ALA B 181 -20.94 9.93 17.25
N GLU B 182 -20.01 9.82 18.19
CA GLU B 182 -20.03 10.65 19.40
C GLU B 182 -19.91 12.15 19.16
N ASN B 183 -19.25 12.54 18.07
CA ASN B 183 -19.07 13.96 17.81
C ASN B 183 -19.65 14.43 16.48
N LEU B 184 -20.38 13.57 15.80
CA LEU B 184 -20.96 13.92 14.51
C LEU B 184 -21.84 15.17 14.57
N HIS B 185 -22.65 15.28 15.63
CA HIS B 185 -23.54 16.44 15.77
C HIS B 185 -22.86 17.79 15.70
N HIS B 186 -21.62 17.86 16.19
CA HIS B 186 -20.87 19.12 16.17
C HIS B 186 -20.73 19.62 14.74
N PHE B 187 -20.36 18.73 13.84
CA PHE B 187 -20.18 19.10 12.44
C PHE B 187 -21.49 19.42 11.74
N LEU B 188 -22.52 18.64 12.03
CA LEU B 188 -23.81 18.87 11.41
C LEU B 188 -24.39 20.22 11.86
N ASP B 189 -24.32 20.50 13.16
CA ASP B 189 -24.82 21.78 13.68
C ASP B 189 -24.04 22.96 13.10
N ALA B 190 -22.79 22.73 12.71
CA ALA B 190 -21.97 23.79 12.16
C ALA B 190 -22.20 24.00 10.67
N GLY B 191 -23.04 23.16 10.07
CA GLY B 191 -23.33 23.30 8.65
C GLY B 191 -22.38 22.60 7.70
N VAL B 192 -21.60 21.64 8.20
CA VAL B 192 -20.69 20.89 7.35
C VAL B 192 -21.56 20.02 6.43
N LEU B 193 -21.31 20.10 5.13
CA LEU B 193 -22.09 19.33 4.17
C LEU B 193 -21.61 17.90 3.93
N GLU B 194 -20.34 17.64 4.17
CA GLU B 194 -19.80 16.30 3.96
C GLU B 194 -18.87 15.93 5.11
N VAL B 195 -19.00 14.70 5.60
CA VAL B 195 -18.14 14.21 6.69
C VAL B 195 -17.48 12.89 6.27
N HIS B 196 -16.24 12.73 6.71
CA HIS B 196 -15.43 11.57 6.39
C HIS B 196 -15.09 10.83 7.68
N SER B 197 -15.30 9.51 7.68
CA SER B 197 -15.02 8.69 8.84
C SER B 197 -14.48 7.33 8.45
N SER B 198 -13.64 6.76 9.30
CA SER B 198 -13.08 5.44 9.03
C SER B 198 -14.03 4.38 9.58
N ALA B 199 -14.83 4.77 10.58
CA ALA B 199 -15.77 3.83 11.20
C ALA B 199 -14.98 2.55 11.46
N GLY B 200 -13.71 2.74 11.83
CA GLY B 200 -12.81 1.64 12.05
C GLY B 200 -12.93 0.82 13.31
N ALA B 201 -12.47 -0.42 13.20
CA ALA B 201 -12.49 -1.37 14.31
C ALA B 201 -11.42 -2.41 14.03
N TRP B 202 -11.02 -3.15 15.06
CA TRP B 202 -10.01 -4.16 14.91
C TRP B 202 -10.59 -5.56 15.05
N GLN B 203 -10.34 -6.40 14.05
CA GLN B 203 -10.80 -7.77 14.08
C GLN B 203 -9.57 -8.64 14.28
N ALA B 204 -9.61 -9.48 15.31
CA ALA B 204 -8.49 -10.35 15.61
C ALA B 204 -8.17 -11.29 14.47
N SER B 205 -6.89 -11.67 14.38
CA SER B 205 -6.44 -12.60 13.36
C SER B 205 -6.98 -13.97 13.74
N PRO B 206 -7.47 -14.74 12.76
CA PRO B 206 -8.01 -16.07 13.04
C PRO B 206 -6.87 -17.09 13.18
N ARG B 208 -4.29 -19.50 14.34
CA ARG B 208 -4.21 -20.37 15.51
C ARG B 208 -2.77 -20.73 15.87
N TYR B 209 -1.88 -20.67 14.90
CA TYR B 209 -0.47 -20.99 15.15
C TYR B 209 0.39 -19.76 14.89
N ARG B 210 1.40 -19.55 15.74
CA ARG B 210 2.27 -18.40 15.58
C ARG B 210 3.74 -18.67 15.91
N ASN B 211 4.61 -17.78 15.42
CA ASN B 211 6.05 -17.86 15.62
C ASN B 211 6.61 -19.26 15.38
N GLU B 224 0.10 -5.38 14.89
CA GLU B 224 0.58 -6.76 14.78
C GLU B 224 -0.19 -7.55 13.72
N TYR B 225 -1.06 -8.45 14.17
CA TYR B 225 -1.83 -9.27 13.23
C TYR B 225 -3.32 -8.96 13.14
N SER B 226 -3.78 -8.00 13.93
CA SER B 226 -5.19 -7.63 13.86
C SER B 226 -5.45 -6.93 12.54
N ARG B 227 -6.66 -7.04 12.03
CA ARG B 227 -7.01 -6.41 10.77
C ARG B 227 -7.85 -5.17 11.02
N TYR B 228 -7.56 -4.09 10.32
CA TYR B 228 -8.33 -2.87 10.49
C TYR B 228 -9.47 -2.94 9.47
N ILE B 229 -10.70 -2.98 9.96
CA ILE B 229 -11.87 -3.08 9.10
C ILE B 229 -12.93 -2.03 9.43
N VAL B 230 -13.97 -1.99 8.61
CA VAL B 230 -15.07 -1.05 8.81
C VAL B 230 -16.14 -1.69 9.68
N ASP B 231 -16.58 -0.97 10.71
CA ASP B 231 -17.63 -1.48 11.57
C ASP B 231 -18.96 -1.09 10.92
N GLY B 232 -19.67 -2.08 10.38
CA GLY B 232 -20.93 -1.82 9.73
C GLY B 232 -21.93 -1.10 10.62
N ALA B 233 -21.99 -1.51 11.89
CA ALA B 233 -22.91 -0.88 12.83
C ALA B 233 -22.56 0.59 13.02
N ALA B 234 -21.26 0.91 13.06
CA ALA B 234 -20.84 2.29 13.25
C ALA B 234 -21.32 3.14 12.07
N VAL B 235 -21.21 2.60 10.87
CA VAL B 235 -21.64 3.32 9.67
C VAL B 235 -23.13 3.62 9.76
N ALA B 236 -23.93 2.60 10.07
CA ALA B 236 -25.38 2.77 10.17
C ALA B 236 -25.77 3.80 11.23
N GLU B 237 -25.10 3.75 12.37
CA GLU B 237 -25.39 4.68 13.45
C GLU B 237 -25.13 6.12 13.01
N LYS B 239 -25.11 7.27 9.94
CA LYS B 239 -26.08 7.63 8.92
C LYS B 239 -27.42 7.92 9.62
N GLY B 240 -27.69 7.20 10.69
CA GLY B 240 -28.92 7.43 11.44
C GLY B 240 -28.89 8.83 12.03
N ILE B 241 -27.78 9.17 12.66
CA ILE B 241 -27.62 10.49 13.26
C ILE B 241 -27.80 11.57 12.19
N ILE B 242 -27.26 11.31 11.00
CA ILE B 242 -27.37 12.26 9.90
C ILE B 242 -28.82 12.45 9.44
N GLU B 243 -29.56 11.35 9.32
CA GLU B 243 -30.94 11.43 8.88
C GLU B 243 -31.82 12.16 9.89
N ARG B 244 -31.66 11.82 11.17
CA ARG B 244 -32.45 12.46 12.20
C ARG B 244 -32.16 13.95 12.30
N HIS B 245 -30.88 14.32 12.19
CA HIS B 245 -30.48 15.72 12.27
C HIS B 245 -31.12 16.52 11.13
N GLN B 246 -31.06 15.99 9.93
CA GLN B 246 -31.64 16.65 8.77
C GLN B 246 -33.16 16.73 8.96
N ALA B 247 -33.70 15.77 9.70
CA ALA B 247 -35.13 15.72 9.97
C ALA B 247 -35.48 16.74 11.05
N LYS B 248 -34.73 16.72 12.15
CA LYS B 248 -34.96 17.66 13.24
C LYS B 248 -34.94 19.08 12.71
N LEU B 249 -34.17 19.30 11.64
CA LEU B 249 -34.07 20.62 11.04
C LEU B 249 -35.39 20.99 10.37
N GLU B 250 -36.45 20.26 10.73
CA GLU B 250 -37.79 20.51 10.18
C GLU B 250 -37.85 20.25 8.68
#